data_3RRK
#
_entry.id   3RRK
#
_cell.length_a   76.320
_cell.length_b   102.181
_cell.length_c   139.062
_cell.angle_alpha   90.00
_cell.angle_beta   90.00
_cell.angle_gamma   90.00
#
_symmetry.space_group_name_H-M   'I 2 2 2'
#
loop_
_entity.id
_entity.type
_entity.pdbx_description
1 polymer 'V-type ATPase 116 kDa subunit'
2 non-polymer '2-[N-CYCLOHEXYLAMINO]ETHANE SULFONIC ACID'
3 non-polymer 'SULFATE ION'
4 water water
#
_entity_poly.entity_id   1
_entity_poly.type   'polypeptide(L)'
_entity_poly.pdbx_seq_one_letter_code
;GSAGSGTIDDDDKMEKLIVAGPKRLARELLAELQKAGVVHIDPLRPDELGEYRLSPTEEAELKRWEAVVSQAEQSLTVVG
LATVPSSKPFTGSLEEAEAVLRPVASRAEVLGKERAALEEEIQTIELFGKAAEKLAALAHGLDESPRLGVIPFLVAKPEE
LEAVRKALQEALADRFVLEAEPLENQLAALVVVKRSELEAARSSLSRLGLAELRFPGAYGAMPLGKAAARMKERARLAPE
ELVGIREEVARLSRESGEALIALWTRAKDEVARYKAVADMAAGKYGAALMGWVPQKAKGKVEEALGRLRDQIVYTFEPVD
EHHESHQVPVTLENPAWAKPFELLHGFLNTPAYGSHD
;
_entity_poly.pdbx_strand_id   A
#
# COMPACT_ATOMS: atom_id res chain seq x y z
N MET A 14 -11.29 -41.94 20.24
CA MET A 14 -12.06 -41.64 19.04
C MET A 14 -11.18 -41.07 17.91
N GLU A 15 -10.90 -39.76 17.94
CA GLU A 15 -10.13 -39.09 16.89
C GLU A 15 -8.62 -39.05 17.14
N LYS A 16 -7.84 -39.39 16.12
CA LYS A 16 -6.39 -39.37 16.22
C LYS A 16 -5.87 -37.95 16.38
N LEU A 17 -4.89 -37.76 17.26
CA LEU A 17 -4.24 -36.46 17.42
C LEU A 17 -2.77 -36.54 17.05
N ILE A 18 -2.27 -35.54 16.34
CA ILE A 18 -0.88 -35.52 15.97
C ILE A 18 -0.34 -34.16 16.36
N VAL A 19 0.76 -34.16 17.10
CA VAL A 19 1.30 -32.94 17.64
C VAL A 19 2.79 -32.88 17.38
N ALA A 20 3.29 -31.69 17.07
CA ALA A 20 4.72 -31.51 16.90
C ALA A 20 5.17 -30.22 17.59
N GLY A 21 6.44 -30.18 17.97
CA GLY A 21 6.99 -29.00 18.60
C GLY A 21 8.50 -29.03 18.59
N PRO A 22 9.12 -28.14 19.36
CA PRO A 22 10.57 -28.22 19.54
C PRO A 22 10.91 -29.45 20.35
N LYS A 23 12.13 -29.95 20.22
CA LYS A 23 12.56 -31.08 21.05
C LYS A 23 12.61 -30.69 22.51
N ARG A 24 12.91 -29.42 22.79
CA ARG A 24 12.96 -28.92 24.15
C ARG A 24 11.72 -29.33 24.91
N LEU A 25 10.59 -29.35 24.21
CA LEU A 25 9.30 -29.57 24.86
C LEU A 25 8.79 -30.99 24.70
N ALA A 26 9.65 -31.90 24.30
CA ALA A 26 9.23 -33.30 24.16
C ALA A 26 8.50 -33.77 25.42
N ARG A 27 9.07 -33.44 26.58
CA ARG A 27 8.58 -33.91 27.88
C ARG A 27 7.37 -33.15 28.43
N GLU A 28 7.44 -31.82 28.37
CA GLU A 28 6.36 -30.98 28.85
C GLU A 28 5.14 -31.14 27.95
N LEU A 29 5.41 -31.44 26.69
CA LEU A 29 4.38 -31.72 25.70
C LEU A 29 3.68 -33.03 26.05
N LEU A 30 4.47 -34.10 26.09
CA LEU A 30 3.99 -35.41 26.56
C LEU A 30 3.16 -35.30 27.84
N ALA A 31 3.72 -34.62 28.83
CA ALA A 31 3.05 -34.46 30.13
C ALA A 31 1.68 -33.83 29.96
N GLU A 32 1.64 -32.71 29.25
CA GLU A 32 0.42 -31.93 29.10
C GLU A 32 -0.66 -32.70 28.35
N LEU A 33 -0.26 -33.47 27.34
CA LEU A 33 -1.18 -34.37 26.66
C LEU A 33 -1.75 -35.41 27.62
N GLN A 34 -0.89 -36.09 28.36
CA GLN A 34 -1.33 -37.11 29.31
C GLN A 34 -2.40 -36.58 30.24
N LYS A 35 -2.14 -35.41 30.80
CA LYS A 35 -2.96 -34.85 31.88
C LYS A 35 -4.18 -34.13 31.34
N ALA A 36 -4.23 -33.96 30.03
CA ALA A 36 -5.41 -33.41 29.38
C ALA A 36 -6.38 -34.55 29.09
N GLY A 37 -5.84 -35.76 28.98
CA GLY A 37 -6.66 -36.95 28.82
C GLY A 37 -6.41 -37.68 27.51
N VAL A 38 -5.25 -37.42 26.89
CA VAL A 38 -4.89 -38.13 25.68
C VAL A 38 -4.47 -39.55 26.05
N VAL A 39 -4.76 -40.52 25.18
CA VAL A 39 -4.41 -41.91 25.48
C VAL A 39 -3.70 -42.60 24.31
N HIS A 40 -3.03 -43.70 24.62
CA HIS A 40 -2.19 -44.41 23.64
C HIS A 40 -1.21 -43.47 23.00
N ILE A 41 -0.58 -42.67 23.86
CA ILE A 41 0.36 -41.66 23.42
C ILE A 41 1.63 -42.30 22.92
N ASP A 42 1.94 -42.11 21.64
CA ASP A 42 3.15 -42.66 21.05
C ASP A 42 3.95 -41.58 20.35
N PRO A 43 5.26 -41.51 20.66
CA PRO A 43 6.14 -40.58 19.96
C PRO A 43 6.26 -40.99 18.50
N LEU A 44 6.33 -40.01 17.60
CA LEU A 44 6.57 -40.28 16.20
C LEU A 44 7.97 -39.79 15.79
N ARG A 45 8.53 -40.47 14.79
CA ARG A 45 9.76 -40.04 14.16
C ARG A 45 9.39 -39.07 13.04
N PRO A 46 10.11 -37.95 12.91
CA PRO A 46 9.83 -37.04 11.81
C PRO A 46 9.59 -37.76 10.48
N ASP A 47 10.32 -38.84 10.22
CA ASP A 47 10.15 -39.65 9.01
C ASP A 47 8.71 -39.94 8.64
N GLU A 48 7.93 -40.38 9.62
CA GLU A 48 6.62 -40.97 9.35
C GLU A 48 5.50 -39.95 9.26
N LEU A 49 5.89 -38.69 9.09
CA LEU A 49 4.93 -37.60 8.94
C LEU A 49 4.70 -37.26 7.48
N GLY A 50 5.62 -37.71 6.63
CA GLY A 50 5.51 -37.51 5.19
C GLY A 50 4.12 -37.80 4.65
N GLU A 51 3.50 -38.85 5.16
CA GLU A 51 2.15 -39.22 4.78
C GLU A 51 1.12 -38.11 4.97
N TYR A 52 1.37 -37.20 5.90
CA TYR A 52 0.43 -36.11 6.16
C TYR A 52 0.70 -34.89 5.26
N ARG A 53 1.32 -35.16 4.12
CA ARG A 53 1.65 -34.17 3.09
C ARG A 53 0.39 -33.71 2.40
N LEU A 54 0.20 -32.40 2.27
CA LEU A 54 -1.01 -31.84 1.64
C LEU A 54 -1.17 -32.31 0.20
N SER A 55 -2.40 -32.66 -0.18
CA SER A 55 -2.70 -33.03 -1.58
C SER A 55 -2.72 -31.79 -2.48
N PRO A 56 -2.54 -32.00 -3.80
CA PRO A 56 -2.65 -30.85 -4.71
C PRO A 56 -3.91 -30.09 -4.40
N THR A 57 -4.97 -30.83 -4.14
CA THR A 57 -6.24 -30.23 -3.75
C THR A 57 -6.18 -29.39 -2.49
N GLU A 58 -5.54 -29.90 -1.44
CA GLU A 58 -5.40 -29.10 -0.22
C GLU A 58 -4.46 -27.88 -0.37
N GLU A 59 -3.41 -28.04 -1.17
CA GLU A 59 -2.54 -26.92 -1.47
C GLU A 59 -3.30 -25.80 -2.19
N ALA A 60 -4.27 -26.16 -3.02
CA ALA A 60 -5.05 -25.16 -3.70
C ALA A 60 -5.99 -24.43 -2.74
N GLU A 61 -6.52 -25.16 -1.77
CA GLU A 61 -7.32 -24.53 -0.72
C GLU A 61 -6.49 -23.55 0.10
N LEU A 62 -5.28 -23.96 0.49
CA LEU A 62 -4.37 -23.08 1.21
C LEU A 62 -4.17 -21.79 0.41
N LYS A 63 -3.84 -21.91 -0.88
CA LYS A 63 -3.59 -20.73 -1.69
C LYS A 63 -4.81 -19.81 -1.70
N ARG A 64 -6.01 -20.38 -1.81
CA ARG A 64 -7.24 -19.56 -1.81
C ARG A 64 -7.51 -18.88 -0.47
N TRP A 65 -7.17 -19.54 0.63
CA TRP A 65 -7.35 -18.93 1.96
C TRP A 65 -6.35 -17.78 2.18
N GLU A 66 -5.16 -17.94 1.65
CA GLU A 66 -4.16 -16.88 1.69
C GLU A 66 -4.62 -15.65 0.89
N ALA A 67 -5.29 -15.91 -0.23
CA ALA A 67 -5.84 -14.85 -1.07
C ALA A 67 -6.98 -14.14 -0.33
N VAL A 68 -7.81 -14.92 0.36
CA VAL A 68 -8.79 -14.31 1.27
C VAL A 68 -8.10 -13.42 2.32
N VAL A 69 -7.05 -13.92 2.95
CA VAL A 69 -6.35 -13.11 3.95
C VAL A 69 -5.86 -11.80 3.33
N SER A 70 -5.19 -11.90 2.21
CA SER A 70 -4.61 -10.73 1.57
C SER A 70 -5.67 -9.72 1.05
N GLN A 71 -6.77 -10.21 0.49
CA GLN A 71 -7.82 -9.31 0.00
C GLN A 71 -8.60 -8.60 1.10
N ALA A 72 -8.81 -9.30 2.22
CA ALA A 72 -9.47 -8.67 3.35
C ALA A 72 -8.56 -7.60 3.96
N GLU A 73 -7.27 -7.92 4.16
CA GLU A 73 -6.34 -6.91 4.65
C GLU A 73 -6.36 -5.68 3.75
N GLN A 74 -6.16 -5.89 2.47
CA GLN A 74 -6.16 -4.78 1.54
C GLN A 74 -7.45 -3.96 1.68
N SER A 75 -8.60 -4.63 1.77
CA SER A 75 -9.87 -3.91 1.93
C SER A 75 -9.98 -3.14 3.24
N LEU A 76 -9.57 -3.74 4.35
CA LEU A 76 -9.66 -3.11 5.65
C LEU A 76 -8.78 -1.85 5.72
N THR A 77 -7.62 -1.95 5.09
CA THR A 77 -6.72 -0.80 4.97
C THR A 77 -7.38 0.40 4.31
N VAL A 78 -8.02 0.15 3.17
CA VAL A 78 -8.72 1.20 2.44
C VAL A 78 -9.81 1.81 3.26
N VAL A 79 -10.46 0.97 4.03
CA VAL A 79 -11.65 1.33 4.78
C VAL A 79 -11.25 2.00 6.08
N GLY A 80 -10.06 1.66 6.57
CA GLY A 80 -9.51 2.30 7.74
C GLY A 80 -9.94 1.57 8.99
N LEU A 81 -9.83 0.25 8.95
CA LEU A 81 -10.14 -0.58 10.08
C LEU A 81 -8.93 -1.45 10.32
N ALA A 82 -8.52 -1.56 11.58
CA ALA A 82 -7.38 -2.40 11.91
C ALA A 82 -7.80 -3.86 11.94
N THR A 83 -6.88 -4.74 11.57
CA THR A 83 -7.11 -6.19 11.66
C THR A 83 -7.10 -6.65 13.11
N VAL A 84 -8.28 -6.79 13.69
CA VAL A 84 -8.41 -7.26 15.06
C VAL A 84 -9.41 -8.39 15.11
N PRO A 85 -8.96 -9.58 15.54
CA PRO A 85 -9.74 -10.82 15.53
C PRO A 85 -11.18 -10.72 16.06
N SER A 86 -12.15 -11.01 15.20
CA SER A 86 -13.56 -11.03 15.54
C SER A 86 -13.83 -12.15 16.53
N SER A 87 -14.80 -11.94 17.42
CA SER A 87 -15.21 -12.97 18.37
C SER A 87 -16.02 -14.06 17.66
N LYS A 88 -16.77 -13.66 16.63
CA LYS A 88 -17.53 -14.60 15.81
C LYS A 88 -17.07 -14.52 14.37
N PRO A 89 -16.00 -15.28 14.06
CA PRO A 89 -15.37 -15.35 12.75
C PRO A 89 -16.33 -15.96 11.72
N PHE A 90 -16.18 -15.58 10.45
CA PHE A 90 -16.95 -16.19 9.36
C PHE A 90 -17.04 -17.73 9.53
N THR A 91 -18.25 -18.29 9.45
CA THR A 91 -18.40 -19.75 9.63
C THR A 91 -18.74 -20.52 8.36
N GLY A 92 -18.94 -19.81 7.25
CA GLY A 92 -19.30 -20.48 6.02
C GLY A 92 -18.17 -21.20 5.30
N SER A 93 -18.49 -21.76 4.15
CA SER A 93 -17.51 -22.37 3.27
C SER A 93 -16.51 -21.33 2.77
N LEU A 94 -15.41 -21.81 2.23
CA LEU A 94 -14.42 -20.99 1.55
C LEU A 94 -15.06 -20.35 0.31
N GLU A 95 -15.87 -21.12 -0.38
CA GLU A 95 -16.64 -20.60 -1.50
C GLU A 95 -17.55 -19.41 -1.13
N GLU A 96 -18.31 -19.57 -0.07
CA GLU A 96 -19.09 -18.46 0.47
C GLU A 96 -18.21 -17.26 0.84
N ALA A 97 -17.11 -17.50 1.55
CA ALA A 97 -16.18 -16.42 1.92
C ALA A 97 -15.65 -15.68 0.70
N GLU A 98 -15.20 -16.46 -0.27
CA GLU A 98 -14.67 -15.89 -1.47
C GLU A 98 -15.75 -15.09 -2.23
N ALA A 99 -16.99 -15.59 -2.22
CA ALA A 99 -18.08 -14.98 -2.99
C ALA A 99 -18.51 -13.67 -2.35
N VAL A 100 -18.40 -13.59 -1.04
CA VAL A 100 -18.73 -12.40 -0.26
C VAL A 100 -17.67 -11.30 -0.41
N LEU A 101 -16.44 -11.70 -0.68
CA LEU A 101 -15.31 -10.79 -0.60
C LEU A 101 -14.87 -10.18 -1.93
N ARG A 102 -15.05 -10.90 -3.04
N ARG A 102 -15.04 -10.92 -3.03
CA ARG A 102 -14.58 -10.41 -4.33
CA ARG A 102 -14.61 -10.46 -4.35
C ARG A 102 -15.12 -9.03 -4.70
C ARG A 102 -15.12 -9.04 -4.67
N PRO A 103 -16.44 -8.86 -4.63
CA PRO A 103 -17.01 -7.57 -5.01
C PRO A 103 -16.50 -6.46 -4.10
N VAL A 104 -16.44 -6.76 -2.81
CA VAL A 104 -15.98 -5.81 -1.81
C VAL A 104 -14.51 -5.44 -2.00
N ALA A 105 -13.67 -6.44 -2.24
CA ALA A 105 -12.26 -6.18 -2.47
C ALA A 105 -11.99 -5.37 -3.76
N SER A 106 -12.75 -5.66 -4.81
CA SER A 106 -12.63 -4.91 -6.05
C SER A 106 -13.06 -3.44 -5.86
N ARG A 107 -14.15 -3.23 -5.16
CA ARG A 107 -14.60 -1.87 -4.92
C ARG A 107 -13.61 -1.14 -4.06
N ALA A 108 -13.06 -1.80 -3.05
CA ALA A 108 -12.17 -1.11 -2.15
C ALA A 108 -10.91 -0.78 -2.94
N GLU A 109 -10.49 -1.68 -3.80
CA GLU A 109 -9.25 -1.42 -4.52
C GLU A 109 -9.37 -0.16 -5.36
N VAL A 110 -10.50 -0.03 -6.04
CA VAL A 110 -10.78 1.07 -6.95
C VAL A 110 -10.96 2.38 -6.15
N LEU A 111 -11.84 2.37 -5.17
CA LEU A 111 -12.02 3.54 -4.31
C LEU A 111 -10.71 4.04 -3.72
N GLY A 112 -9.93 3.12 -3.14
CA GLY A 112 -8.68 3.50 -2.50
C GLY A 112 -7.71 4.12 -3.47
N LYS A 113 -7.72 3.66 -4.72
CA LYS A 113 -6.82 4.19 -5.73
C LYS A 113 -7.26 5.58 -6.17
N GLU A 114 -8.56 5.79 -6.25
CA GLU A 114 -9.07 7.06 -6.72
C GLU A 114 -8.79 8.11 -5.66
N ARG A 115 -9.18 7.81 -4.42
CA ARG A 115 -8.98 8.68 -3.25
C ARG A 115 -7.52 9.13 -3.12
N ALA A 116 -6.58 8.20 -3.26
CA ALA A 116 -5.17 8.56 -3.26
C ALA A 116 -4.78 9.49 -4.41
N ALA A 117 -5.31 9.24 -5.61
CA ALA A 117 -4.99 10.08 -6.76
C ALA A 117 -5.51 11.49 -6.56
N LEU A 118 -6.73 11.61 -6.07
CA LEU A 118 -7.27 12.91 -5.68
C LEU A 118 -6.46 13.61 -4.61
N GLU A 119 -6.07 12.91 -3.55
CA GLU A 119 -5.34 13.58 -2.47
C GLU A 119 -3.97 14.06 -2.94
N GLU A 120 -3.31 13.27 -3.78
CA GLU A 120 -2.01 13.64 -4.31
C GLU A 120 -2.15 14.83 -5.26
N GLU A 121 -3.28 14.87 -5.96
CA GLU A 121 -3.57 15.93 -6.91
C GLU A 121 -3.74 17.25 -6.16
N ILE A 122 -4.60 17.22 -5.16
CA ILE A 122 -4.89 18.39 -4.33
C ILE A 122 -3.64 18.94 -3.63
N GLN A 123 -2.77 18.05 -3.16
CA GLN A 123 -1.53 18.48 -2.53
C GLN A 123 -0.56 19.11 -3.52
N THR A 124 -0.43 18.51 -4.70
CA THR A 124 0.36 19.10 -5.78
C THR A 124 -0.08 20.53 -6.06
N ILE A 125 -1.39 20.71 -6.23
CA ILE A 125 -1.93 22.01 -6.45
C ILE A 125 -1.63 22.94 -5.27
N GLU A 126 -1.55 22.38 -4.07
CA GLU A 126 -1.24 23.18 -2.87
C GLU A 126 0.19 23.69 -2.90
N LEU A 127 1.10 22.83 -3.30
CA LEU A 127 2.49 23.19 -3.39
C LEU A 127 2.79 24.11 -4.57
N PHE A 128 2.37 23.73 -5.77
CA PHE A 128 2.72 24.45 -7.00
C PHE A 128 1.68 25.47 -7.51
N GLY A 129 0.53 25.53 -6.87
CA GLY A 129 -0.54 26.40 -7.30
C GLY A 129 -0.17 27.83 -7.65
N LYS A 130 0.20 28.61 -6.63
CA LYS A 130 0.50 30.03 -6.86
C LYS A 130 1.67 30.22 -7.80
N ALA A 131 2.65 29.32 -7.73
CA ALA A 131 3.81 29.41 -8.60
C ALA A 131 3.39 29.30 -10.07
N ALA A 132 2.58 28.31 -10.37
CA ALA A 132 2.09 28.11 -11.73
C ALA A 132 1.23 29.28 -12.23
N GLU A 133 0.45 29.88 -11.33
CA GLU A 133 -0.36 31.03 -11.69
C GLU A 133 0.56 32.18 -12.10
N LYS A 134 1.51 32.50 -11.22
CA LYS A 134 2.44 33.59 -11.45
C LYS A 134 3.19 33.44 -12.78
N LEU A 135 3.84 32.29 -12.95
CA LEU A 135 4.67 32.01 -14.11
C LEU A 135 3.90 32.03 -15.41
N ALA A 136 2.72 31.44 -15.38
CA ALA A 136 1.84 31.42 -16.56
C ALA A 136 1.58 32.84 -17.07
N ALA A 137 1.37 33.75 -16.14
CA ALA A 137 1.06 35.14 -16.45
C ALA A 137 2.31 35.82 -16.98
N LEU A 138 3.42 35.60 -16.27
CA LEU A 138 4.72 36.09 -16.71
C LEU A 138 4.99 35.67 -18.14
N ALA A 139 4.47 34.51 -18.51
CA ALA A 139 4.77 33.93 -19.81
C ALA A 139 3.55 33.86 -20.73
N HIS A 140 2.53 34.66 -20.44
CA HIS A 140 1.32 34.60 -21.22
C HIS A 140 1.60 35.01 -22.68
N GLY A 141 1.25 34.13 -23.62
CA GLY A 141 1.39 34.41 -25.04
C GLY A 141 2.74 33.98 -25.62
N LEU A 142 3.69 33.71 -24.73
CA LEU A 142 5.05 33.37 -25.13
C LEU A 142 5.35 31.90 -24.86
N ASP A 143 4.43 31.19 -24.20
CA ASP A 143 4.76 29.87 -23.65
C ASP A 143 4.65 28.69 -24.63
N GLU A 144 4.08 28.92 -25.80
CA GLU A 144 4.06 27.90 -26.83
C GLU A 144 4.38 28.53 -28.19
N SER A 145 5.33 29.46 -28.16
CA SER A 145 5.84 30.10 -29.38
C SER A 145 7.07 29.36 -29.86
N PRO A 146 6.99 28.75 -31.05
CA PRO A 146 8.08 27.90 -31.57
C PRO A 146 9.43 28.62 -31.68
N ARG A 147 9.44 29.93 -31.88
CA ARG A 147 10.68 30.68 -32.01
C ARG A 147 11.29 31.18 -30.69
N LEU A 148 10.60 30.97 -29.57
CA LEU A 148 11.05 31.41 -28.26
C LEU A 148 11.09 30.29 -27.24
N GLY A 149 12.12 30.28 -26.41
CA GLY A 149 12.21 29.34 -25.30
C GLY A 149 12.11 30.00 -23.92
N VAL A 150 11.33 29.39 -23.05
CA VAL A 150 11.19 29.92 -21.70
C VAL A 150 11.68 28.95 -20.64
N ILE A 151 12.11 29.51 -19.52
CA ILE A 151 12.49 28.72 -18.37
C ILE A 151 11.93 29.36 -17.13
N PRO A 152 11.02 28.66 -16.45
CA PRO A 152 10.59 29.05 -15.12
C PRO A 152 11.61 28.52 -14.14
N PHE A 153 11.80 29.22 -13.02
CA PHE A 153 12.73 28.76 -12.00
C PHE A 153 12.57 29.59 -10.74
N LEU A 154 12.88 29.01 -9.58
CA LEU A 154 12.74 29.73 -8.32
C LEU A 154 14.04 30.33 -7.84
N VAL A 155 13.93 31.46 -7.16
CA VAL A 155 15.10 32.17 -6.68
C VAL A 155 14.67 32.77 -5.35
N ALA A 156 15.59 32.83 -4.40
CA ALA A 156 15.24 33.20 -3.03
C ALA A 156 15.20 34.71 -2.82
N LYS A 157 16.32 35.34 -3.11
CA LYS A 157 16.45 36.78 -2.88
C LYS A 157 16.41 37.57 -4.20
N PRO A 158 15.80 38.76 -4.17
CA PRO A 158 15.90 39.68 -5.32
C PRO A 158 17.37 40.00 -5.64
N GLU A 159 18.24 39.78 -4.66
CA GLU A 159 19.67 39.95 -4.85
C GLU A 159 20.20 38.85 -5.77
N GLU A 160 19.69 37.63 -5.58
CA GLU A 160 20.11 36.50 -6.39
C GLU A 160 19.60 36.66 -7.83
N LEU A 161 18.43 37.25 -7.96
CA LEU A 161 17.85 37.47 -9.27
C LEU A 161 18.80 38.33 -10.11
N GLU A 162 19.40 39.32 -9.46
CA GLU A 162 20.33 40.21 -10.13
C GLU A 162 21.55 39.48 -10.66
N ALA A 163 22.15 38.65 -9.81
CA ALA A 163 23.31 37.87 -10.22
C ALA A 163 23.01 37.09 -11.50
N VAL A 164 21.77 36.61 -11.59
CA VAL A 164 21.27 35.89 -12.76
C VAL A 164 21.15 36.82 -13.97
N ARG A 165 20.50 37.96 -13.74
CA ARG A 165 20.37 38.98 -14.76
C ARG A 165 21.76 39.34 -15.26
N LYS A 166 22.73 39.40 -14.34
CA LYS A 166 24.11 39.71 -14.72
C LYS A 166 24.71 38.60 -15.58
N ALA A 167 24.63 37.37 -15.10
CA ALA A 167 25.06 36.23 -15.90
C ALA A 167 24.41 36.22 -17.28
N LEU A 168 23.08 36.28 -17.33
CA LEU A 168 22.37 36.24 -18.59
C LEU A 168 22.89 37.30 -19.56
N GLN A 169 22.99 38.53 -19.09
CA GLN A 169 23.49 39.61 -19.94
C GLN A 169 24.91 39.35 -20.38
N GLU A 170 25.69 38.73 -19.50
CA GLU A 170 27.07 38.41 -19.82
C GLU A 170 27.08 37.46 -21.01
N ALA A 171 26.03 36.67 -21.12
CA ALA A 171 26.00 35.54 -22.05
C ALA A 171 25.17 35.84 -23.30
N LEU A 172 24.19 36.72 -23.16
CA LEU A 172 23.24 36.96 -24.24
C LEU A 172 23.02 38.44 -24.54
N ALA A 173 23.76 39.31 -23.86
CA ALA A 173 23.58 40.76 -24.01
C ALA A 173 22.16 41.18 -23.67
N ASP A 174 21.45 41.63 -24.70
CA ASP A 174 20.09 42.14 -24.55
C ASP A 174 19.06 41.20 -25.18
N ARG A 175 19.48 39.98 -25.50
CA ARG A 175 18.59 39.00 -26.12
C ARG A 175 17.97 38.05 -25.08
N PHE A 176 17.31 38.63 -24.08
CA PHE A 176 16.55 37.87 -23.09
C PHE A 176 15.64 38.80 -22.30
N VAL A 177 14.64 38.21 -21.67
CA VAL A 177 13.76 38.94 -20.78
C VAL A 177 13.69 38.21 -19.44
N LEU A 178 14.10 38.88 -18.37
CA LEU A 178 14.04 38.28 -17.05
C LEU A 178 13.03 39.02 -16.18
N GLU A 179 11.92 38.37 -15.89
CA GLU A 179 10.90 38.96 -15.04
C GLU A 179 10.58 38.01 -13.91
N ALA A 180 10.05 38.53 -12.82
CA ALA A 180 9.85 37.73 -11.63
C ALA A 180 8.69 38.23 -10.80
N GLU A 181 8.04 37.30 -10.09
CA GLU A 181 6.93 37.63 -9.23
C GLU A 181 7.22 37.07 -7.86
N PRO A 182 6.84 37.81 -6.82
CA PRO A 182 7.08 37.41 -5.43
C PRO A 182 6.18 36.26 -5.00
N LEU A 183 6.79 35.25 -4.42
CA LEU A 183 6.05 34.18 -3.76
C LEU A 183 6.08 34.50 -2.27
N GLU A 184 5.49 33.64 -1.46
CA GLU A 184 5.47 33.89 -0.03
C GLU A 184 6.89 34.09 0.53
N ASN A 185 7.83 33.30 0.07
CA ASN A 185 9.23 33.42 0.49
C ASN A 185 10.17 33.65 -0.67
N GLN A 186 10.09 32.77 -1.65
CA GLN A 186 10.94 32.85 -2.84
C GLN A 186 10.33 33.75 -3.90
N LEU A 187 10.97 33.78 -5.06
CA LEU A 187 10.49 34.53 -6.20
C LEU A 187 10.32 33.60 -7.38
N ALA A 188 9.15 33.65 -8.03
CA ALA A 188 8.93 32.92 -9.27
C ALA A 188 9.49 33.77 -10.41
N ALA A 189 10.52 33.25 -11.07
CA ALA A 189 11.16 33.98 -12.15
C ALA A 189 10.96 33.25 -13.47
N LEU A 190 11.08 33.97 -14.56
CA LEU A 190 10.98 33.39 -15.87
C LEU A 190 11.99 34.06 -16.79
N VAL A 191 12.71 33.27 -17.58
CA VAL A 191 13.59 33.82 -18.60
C VAL A 191 13.01 33.47 -19.96
N VAL A 192 13.20 34.40 -20.90
CA VAL A 192 12.74 34.24 -22.27
C VAL A 192 13.88 34.57 -23.23
N VAL A 193 14.08 33.69 -24.19
CA VAL A 193 15.24 33.75 -25.06
C VAL A 193 14.87 33.23 -26.44
N LYS A 194 15.72 33.49 -27.42
CA LYS A 194 15.55 32.81 -28.69
C LYS A 194 15.57 31.31 -28.41
N ARG A 195 14.66 30.58 -29.05
CA ARG A 195 14.62 29.12 -28.92
C ARG A 195 16.02 28.50 -29.05
N SER A 196 16.76 28.97 -30.04
CA SER A 196 18.09 28.46 -30.33
C SER A 196 19.12 28.77 -29.23
N GLU A 197 18.75 29.52 -28.22
CA GLU A 197 19.70 29.88 -27.16
C GLU A 197 19.23 29.41 -25.80
N LEU A 198 18.29 28.47 -25.79
CA LEU A 198 17.69 28.00 -24.56
C LEU A 198 18.75 27.43 -23.63
N GLU A 199 19.65 26.65 -24.21
CA GLU A 199 20.72 26.03 -23.46
C GLU A 199 21.75 27.00 -22.90
N ALA A 200 21.96 28.12 -23.58
CA ALA A 200 22.91 29.12 -23.09
C ALA A 200 22.36 29.76 -21.83
N ALA A 201 21.04 29.87 -21.78
CA ALA A 201 20.35 30.43 -20.64
C ALA A 201 20.35 29.40 -19.49
N ARG A 202 20.10 28.15 -19.83
CA ARG A 202 20.12 27.07 -18.87
C ARG A 202 21.50 26.97 -18.20
N SER A 203 22.54 27.01 -19.02
CA SER A 203 23.92 27.03 -18.52
C SER A 203 24.16 28.16 -17.52
N SER A 204 23.60 29.32 -17.78
CA SER A 204 23.76 30.42 -16.85
C SER A 204 23.16 30.09 -15.50
N LEU A 205 21.96 29.50 -15.50
CA LEU A 205 21.33 29.12 -14.24
C LEU A 205 22.18 28.05 -13.58
N SER A 206 22.64 27.11 -14.38
CA SER A 206 23.43 26.00 -13.88
C SER A 206 24.68 26.49 -13.13
N ARG A 207 25.31 27.55 -13.62
CA ARG A 207 26.54 28.05 -13.00
C ARG A 207 26.23 28.88 -11.75
N LEU A 208 24.94 29.09 -11.46
CA LEU A 208 24.53 29.77 -10.23
C LEU A 208 23.82 28.83 -9.25
N GLY A 209 23.81 27.54 -9.60
CA GLY A 209 23.16 26.54 -8.76
C GLY A 209 21.64 26.59 -8.81
N LEU A 210 21.09 27.13 -9.89
CA LEU A 210 19.66 27.20 -10.07
C LEU A 210 19.23 26.23 -11.15
N ALA A 211 17.95 25.86 -11.16
CA ALA A 211 17.47 24.92 -12.15
C ALA A 211 16.04 25.24 -12.54
N GLU A 212 15.63 24.75 -13.70
CA GLU A 212 14.24 24.86 -14.11
C GLU A 212 13.32 24.23 -13.07
N LEU A 213 12.23 24.91 -12.77
CA LEU A 213 11.23 24.39 -11.86
C LEU A 213 10.40 23.38 -12.63
N ARG A 214 10.39 22.14 -12.12
CA ARG A 214 9.61 21.08 -12.73
C ARG A 214 8.28 21.01 -12.02
N PHE A 215 7.24 20.71 -12.75
CA PHE A 215 5.95 20.45 -12.14
C PHE A 215 5.73 18.97 -12.19
N PRO A 216 5.25 18.40 -11.09
CA PRO A 216 5.14 16.96 -10.95
C PRO A 216 4.05 16.42 -11.86
N GLY A 217 4.13 15.13 -12.17
CA GLY A 217 3.07 14.44 -12.89
C GLY A 217 2.79 14.99 -14.27
N ALA A 218 1.53 14.83 -14.70
CA ALA A 218 1.10 15.31 -16.00
C ALA A 218 1.52 16.76 -16.28
N TYR A 219 1.50 17.61 -15.26
CA TYR A 219 1.80 19.03 -15.47
C TYR A 219 3.18 19.28 -16.08
N GLY A 220 4.09 18.33 -15.91
CA GLY A 220 5.46 18.51 -16.33
C GLY A 220 5.58 18.84 -17.80
N ALA A 221 4.87 18.07 -18.62
CA ALA A 221 4.96 18.18 -20.07
C ALA A 221 3.98 19.19 -20.68
N MET A 222 3.62 20.22 -19.93
CA MET A 222 2.65 21.19 -20.43
C MET A 222 3.26 22.57 -20.49
N PRO A 223 2.71 23.41 -21.36
CA PRO A 223 3.05 24.82 -21.31
C PRO A 223 2.54 25.39 -20.00
N LEU A 224 3.31 26.29 -19.39
CA LEU A 224 2.85 27.05 -18.24
C LEU A 224 1.35 27.30 -18.27
N GLY A 225 0.91 27.93 -19.35
CA GLY A 225 -0.47 28.35 -19.46
C GLY A 225 -1.47 27.24 -19.30
N LYS A 226 -1.22 26.13 -19.98
CA LYS A 226 -2.13 24.99 -19.88
C LYS A 226 -2.10 24.41 -18.47
N ALA A 227 -0.89 24.22 -17.93
CA ALA A 227 -0.69 23.69 -16.58
C ALA A 227 -1.46 24.46 -15.52
N ALA A 228 -1.32 25.77 -15.53
CA ALA A 228 -2.03 26.64 -14.60
C ALA A 228 -3.55 26.56 -14.78
N ALA A 229 -4.01 26.30 -15.99
CA ALA A 229 -5.43 26.26 -16.23
C ALA A 229 -6.04 24.96 -15.73
N ARG A 230 -5.37 23.84 -16.02
CA ARG A 230 -5.78 22.55 -15.47
C ARG A 230 -5.73 22.52 -13.93
N MET A 231 -4.69 23.12 -13.36
CA MET A 231 -4.61 23.21 -11.91
C MET A 231 -5.79 23.99 -11.34
N LYS A 232 -6.20 25.04 -12.04
CA LYS A 232 -7.25 25.90 -11.53
C LYS A 232 -8.59 25.18 -11.51
N GLU A 233 -8.77 24.27 -12.47
CA GLU A 233 -10.05 23.60 -12.60
C GLU A 233 -10.08 22.33 -11.75
N ARG A 234 -8.95 21.64 -11.67
CA ARG A 234 -8.84 20.52 -10.74
C ARG A 234 -9.03 21.05 -9.32
N ALA A 235 -8.65 22.30 -9.08
CA ALA A 235 -8.80 22.90 -7.75
C ALA A 235 -10.26 23.14 -7.43
N ARG A 236 -11.09 23.24 -8.47
CA ARG A 236 -12.51 23.44 -8.27
C ARG A 236 -13.23 22.09 -8.22
N LEU A 237 -12.77 21.14 -9.03
CA LEU A 237 -13.43 19.86 -9.15
C LEU A 237 -12.96 18.81 -8.13
N ALA A 238 -11.66 18.75 -7.88
CA ALA A 238 -11.10 17.66 -7.10
C ALA A 238 -11.70 17.56 -5.70
N PRO A 239 -11.75 18.67 -4.97
CA PRO A 239 -12.22 18.57 -3.59
C PRO A 239 -13.61 17.97 -3.49
N GLU A 240 -14.46 18.20 -4.48
CA GLU A 240 -15.79 17.65 -4.43
C GLU A 240 -15.82 16.19 -4.88
N GLU A 241 -14.96 15.84 -5.83
CA GLU A 241 -14.87 14.44 -6.26
C GLU A 241 -14.36 13.58 -5.09
N LEU A 242 -13.53 14.17 -4.25
CA LEU A 242 -12.98 13.45 -3.11
C LEU A 242 -14.09 13.20 -2.10
N VAL A 243 -14.93 14.20 -1.88
CA VAL A 243 -16.07 14.02 -1.00
C VAL A 243 -16.87 12.79 -1.40
N GLY A 244 -17.26 12.74 -2.66
CA GLY A 244 -17.98 11.59 -3.20
C GLY A 244 -17.28 10.26 -3.05
N ILE A 245 -15.97 10.22 -3.30
CA ILE A 245 -15.19 9.01 -3.09
C ILE A 245 -15.23 8.59 -1.62
N ARG A 246 -15.16 9.57 -0.72
CA ARG A 246 -15.13 9.27 0.70
C ARG A 246 -16.48 8.74 1.16
N GLU A 247 -17.56 9.22 0.55
CA GLU A 247 -18.89 8.76 0.90
C GLU A 247 -19.08 7.31 0.47
N GLU A 248 -18.49 6.96 -0.67
CA GLU A 248 -18.50 5.59 -1.14
C GLU A 248 -17.69 4.69 -0.21
N VAL A 249 -16.54 5.18 0.22
CA VAL A 249 -15.70 4.43 1.14
C VAL A 249 -16.41 4.22 2.49
N ALA A 250 -16.99 5.28 3.04
CA ALA A 250 -17.80 5.17 4.24
C ALA A 250 -18.90 4.13 4.06
N ARG A 251 -19.64 4.24 2.98
CA ARG A 251 -20.71 3.29 2.69
C ARG A 251 -20.18 1.85 2.66
N LEU A 252 -18.97 1.66 2.16
CA LEU A 252 -18.42 0.31 2.08
C LEU A 252 -18.05 -0.19 3.50
N SER A 253 -17.58 0.73 4.34
CA SER A 253 -17.28 0.40 5.72
C SER A 253 -18.54 -0.03 6.49
N ARG A 254 -19.58 0.77 6.41
CA ARG A 254 -20.81 0.44 7.10
C ARG A 254 -21.41 -0.86 6.59
N GLU A 255 -21.35 -1.09 5.29
CA GLU A 255 -22.00 -2.28 4.73
C GLU A 255 -21.19 -3.54 4.97
N SER A 256 -19.88 -3.40 5.03
CA SER A 256 -19.01 -4.57 4.91
C SER A 256 -17.81 -4.62 5.87
N GLY A 257 -17.58 -3.56 6.64
CA GLY A 257 -16.46 -3.54 7.56
C GLY A 257 -16.39 -4.75 8.49
N GLU A 258 -17.50 -5.05 9.15
CA GLU A 258 -17.55 -6.16 10.09
C GLU A 258 -17.34 -7.52 9.41
N ALA A 259 -17.94 -7.73 8.24
CA ALA A 259 -17.78 -8.99 7.52
C ALA A 259 -16.32 -9.21 7.15
N LEU A 260 -15.64 -8.13 6.82
CA LEU A 260 -14.27 -8.25 6.33
C LEU A 260 -13.44 -8.82 7.45
N ILE A 261 -13.61 -8.21 8.62
CA ILE A 261 -12.93 -8.62 9.85
C ILE A 261 -13.18 -10.09 10.16
N ALA A 262 -14.43 -10.52 10.10
CA ALA A 262 -14.76 -11.92 10.34
C ALA A 262 -14.15 -12.86 9.29
N LEU A 263 -14.00 -12.37 8.05
CA LEU A 263 -13.38 -13.14 6.98
C LEU A 263 -11.89 -13.27 7.23
N TRP A 264 -11.29 -12.14 7.56
CA TRP A 264 -9.87 -12.11 7.82
C TRP A 264 -9.55 -13.11 8.92
N THR A 265 -10.36 -13.06 9.96
CA THR A 265 -10.15 -13.87 11.12
C THR A 265 -10.22 -15.35 10.77
N ARG A 266 -11.33 -15.77 10.20
CA ARG A 266 -11.44 -17.16 9.79
C ARG A 266 -10.28 -17.60 8.90
N ALA A 267 -9.85 -16.72 7.99
CA ALA A 267 -8.81 -17.08 7.02
C ALA A 267 -7.41 -17.14 7.65
N LYS A 268 -7.09 -16.19 8.52
CA LYS A 268 -5.84 -16.29 9.28
C LYS A 268 -5.69 -17.66 9.93
N ASP A 269 -6.75 -18.15 10.57
CA ASP A 269 -6.70 -19.46 11.23
C ASP A 269 -6.63 -20.59 10.23
N GLU A 270 -7.29 -20.41 9.09
CA GLU A 270 -7.33 -21.46 8.10
C GLU A 270 -5.95 -21.68 7.55
N VAL A 271 -5.24 -20.59 7.29
CA VAL A 271 -3.89 -20.66 6.78
C VAL A 271 -2.93 -21.35 7.77
N ALA A 272 -2.99 -20.94 9.04
CA ALA A 272 -2.18 -21.58 10.08
C ALA A 272 -2.45 -23.07 10.15
N ARG A 273 -3.71 -23.43 10.03
CA ARG A 273 -4.11 -24.81 10.13
C ARG A 273 -3.50 -25.61 8.98
N TYR A 274 -3.61 -25.08 7.77
CA TYR A 274 -3.06 -25.74 6.60
C TYR A 274 -1.55 -25.81 6.64
N LYS A 275 -0.90 -24.70 6.98
CA LYS A 275 0.56 -24.69 7.04
C LYS A 275 1.08 -25.67 8.10
N ALA A 276 0.51 -25.60 9.30
CA ALA A 276 0.91 -26.50 10.40
C ALA A 276 1.05 -27.93 9.90
N VAL A 277 -0.02 -28.43 9.30
CA VAL A 277 -0.01 -29.74 8.71
C VAL A 277 1.15 -29.92 7.72
N ALA A 278 1.36 -28.93 6.86
CA ALA A 278 2.40 -29.02 5.83
C ALA A 278 3.80 -29.02 6.42
N ASP A 279 4.02 -28.14 7.40
CA ASP A 279 5.31 -28.03 8.05
C ASP A 279 5.62 -29.28 8.86
N MET A 280 4.65 -29.73 9.63
CA MET A 280 4.74 -30.98 10.34
C MET A 280 5.16 -32.10 9.40
N ALA A 281 4.42 -32.30 8.32
CA ALA A 281 4.73 -33.34 7.35
C ALA A 281 6.10 -33.14 6.70
N ALA A 282 6.62 -31.91 6.76
CA ALA A 282 7.91 -31.58 6.15
C ALA A 282 9.06 -31.82 7.13
N GLY A 283 8.76 -32.53 8.23
CA GLY A 283 9.73 -32.78 9.27
C GLY A 283 10.33 -31.50 9.83
N LYS A 284 9.55 -30.43 9.83
CA LYS A 284 10.03 -29.13 10.31
C LYS A 284 10.00 -29.08 11.83
N TYR A 285 9.65 -30.20 12.46
CA TYR A 285 9.68 -30.28 13.92
C TYR A 285 10.42 -31.50 14.45
N GLY A 286 11.19 -31.30 15.51
CA GLY A 286 12.00 -32.36 16.10
C GLY A 286 11.20 -33.32 16.96
N ALA A 287 10.29 -32.78 17.76
CA ALA A 287 9.46 -33.60 18.63
C ALA A 287 8.03 -33.69 18.08
N ALA A 288 7.52 -34.92 17.98
CA ALA A 288 6.17 -35.17 17.49
C ALA A 288 5.51 -36.38 18.18
N LEU A 289 4.28 -36.20 18.62
CA LEU A 289 3.53 -37.25 19.31
C LEU A 289 2.20 -37.59 18.60
N MET A 290 1.68 -38.76 18.91
CA MET A 290 0.44 -39.27 18.34
C MET A 290 -0.40 -39.73 19.51
N GLY A 291 -1.71 -39.67 19.39
CA GLY A 291 -2.57 -40.05 20.50
C GLY A 291 -4.01 -40.14 20.10
N TRP A 292 -4.84 -40.69 21.00
CA TRP A 292 -6.27 -40.80 20.75
C TRP A 292 -7.07 -40.06 21.81
N VAL A 293 -8.05 -39.30 21.34
CA VAL A 293 -8.81 -38.40 22.19
C VAL A 293 -10.31 -38.72 22.10
N PRO A 294 -10.91 -39.11 23.25
CA PRO A 294 -12.35 -39.37 23.38
C PRO A 294 -13.14 -38.10 23.64
N GLN A 295 -14.31 -37.97 23.03
CA GLN A 295 -15.06 -36.71 23.01
C GLN A 295 -14.93 -35.78 24.23
N LYS A 296 -15.03 -36.33 25.43
CA LYS A 296 -15.00 -35.52 26.64
C LYS A 296 -13.72 -34.70 26.79
N ALA A 297 -12.58 -35.39 26.89
CA ALA A 297 -11.29 -34.75 27.12
C ALA A 297 -10.94 -33.72 26.04
N LYS A 298 -11.51 -33.92 24.84
CA LYS A 298 -11.21 -33.09 23.69
C LYS A 298 -11.16 -31.61 24.04
N GLY A 299 -11.93 -31.23 25.06
CA GLY A 299 -11.92 -29.86 25.55
C GLY A 299 -10.57 -29.43 26.09
N LYS A 300 -10.08 -30.16 27.09
CA LYS A 300 -8.86 -29.79 27.79
C LYS A 300 -7.60 -29.79 26.92
N VAL A 301 -7.67 -30.40 25.74
CA VAL A 301 -6.48 -30.55 24.89
C VAL A 301 -6.08 -29.27 24.12
N GLU A 302 -7.05 -28.57 23.56
CA GLU A 302 -6.72 -27.33 22.83
C GLU A 302 -6.46 -26.17 23.78
N GLU A 303 -6.85 -26.35 25.04
CA GLU A 303 -6.63 -25.34 26.07
C GLU A 303 -5.15 -25.25 26.44
N ALA A 304 -4.49 -26.39 26.53
CA ALA A 304 -3.05 -26.41 26.79
C ALA A 304 -2.32 -25.99 25.51
N LEU A 305 -2.89 -24.99 24.84
CA LEU A 305 -2.48 -24.54 23.51
C LEU A 305 -0.99 -24.38 23.27
N GLY A 306 -0.24 -23.98 24.31
CA GLY A 306 1.20 -23.80 24.18
C GLY A 306 1.64 -22.63 23.32
N ARG A 307 1.25 -22.64 22.05
CA ARG A 307 1.59 -21.58 21.08
C ARG A 307 2.86 -21.88 20.27
N LEU A 308 3.77 -22.69 20.83
CA LEU A 308 5.03 -23.07 20.18
C LEU A 308 4.90 -24.37 19.37
N ARG A 309 3.70 -24.95 19.40
CA ARG A 309 3.44 -26.27 18.87
C ARG A 309 2.26 -26.19 17.92
N ASP A 310 2.14 -27.18 17.06
CA ASP A 310 0.92 -27.29 16.25
C ASP A 310 0.38 -28.73 16.23
N GLN A 311 -0.93 -28.83 16.39
CA GLN A 311 -1.58 -30.12 16.39
C GLN A 311 -2.36 -30.29 15.10
N ILE A 312 -2.97 -31.45 14.93
CA ILE A 312 -4.11 -31.62 14.03
C ILE A 312 -4.97 -32.75 14.55
N VAL A 313 -6.18 -32.40 14.99
CA VAL A 313 -7.12 -33.41 15.48
C VAL A 313 -7.68 -34.18 14.28
N TYR A 314 -8.12 -35.40 14.54
CA TYR A 314 -8.61 -36.29 13.48
C TYR A 314 -7.77 -36.15 12.21
#